data_2GEJ
#
_entry.id   2GEJ
#
_cell.length_a   37.071
_cell.length_b   72.747
_cell.length_c   137.166
_cell.angle_alpha   90.00
_cell.angle_beta   90.00
_cell.angle_gamma   90.00
#
_symmetry.space_group_name_H-M   'P 21 21 21'
#
loop_
_entity.id
_entity.type
_entity.pdbx_description
1 polymer 'PHOSPHATIDYLINOSITOL MANNOSYLTRANSFERASE (PimA)'
2 non-polymer "GUANOSINE-5'-DIPHOSPHATE-ALPHA-D-MANNOSE"
3 water water
#
_entity_poly.entity_id   1
_entity_poly.type   'polypeptide(L)'
_entity_poly.pdbx_seq_one_letter_code
;MGSSHHHHHHSSGLVPRGSHMRIGMVCPYSFDVPGGVQSHVLQLAEVLRDAGHEVSVLAPASPHVKLPDYVVSGGKAVPI
PYNGSVARLRFGPATHRKVKKWIAEGDFDVLHIHEPNAPSLSMLALQAAEGPIVATFHTSTTKSLTLSVFQGILRPYHEK
IIGRIAVSDLARRWQMEALGSDAVEIPNGVDVASFADAPLLDGYPREGRTVLFLGRYDEPRKGMAVLLAALPKLVARFPD
VEILIVGRGDEDELREQAGDLAGHLRFLGQVDDATKASAMRSADVYCAPHLGGESFGIVLVEAMAAGTAVVASDLDAFRR
VLADGDAGRLVPVDDADGMAAALIGILEDDQLRAGYVARASERVHRYDWSVVSAQIMRVYETVSGAGIKVQVSGAANRDE
TAGESV
;
_entity_poly.pdbx_strand_id   A
#
# COMPACT_ATOMS: atom_id res chain seq x y z
N MET A 21 22.37 0.94 -13.88
CA MET A 21 21.00 0.88 -14.56
C MET A 21 20.12 2.16 -14.63
N ARG A 22 19.37 2.26 -15.74
CA ARG A 22 18.35 3.27 -15.99
C ARG A 22 16.97 2.58 -15.94
N ILE A 23 16.23 2.85 -14.86
CA ILE A 23 14.90 2.31 -14.73
C ILE A 23 13.84 3.37 -15.07
N GLY A 24 12.92 3.04 -15.98
CA GLY A 24 11.72 3.84 -16.17
C GLY A 24 10.59 3.22 -15.35
N MET A 25 9.86 4.01 -14.58
CA MET A 25 8.70 3.45 -13.91
C MET A 25 7.42 4.09 -14.35
N VAL A 26 6.36 3.31 -14.42
CA VAL A 26 5.05 3.92 -14.63
C VAL A 26 4.09 3.70 -13.46
N CYS A 27 3.54 4.81 -12.99
CA CYS A 27 2.48 4.79 -11.99
C CYS A 27 1.14 5.29 -12.63
N PRO A 28 0.05 4.53 -12.52
CA PRO A 28 -1.16 4.97 -13.22
C PRO A 28 -2.00 5.94 -12.44
N TYR A 29 -1.68 6.14 -11.15
CA TYR A 29 -2.47 7.08 -10.32
C TYR A 29 -1.74 8.36 -10.15
N SER A 30 -2.50 9.43 -10.04
CA SER A 30 -1.95 10.72 -9.67
C SER A 30 -1.30 10.71 -8.28
N PHE A 31 -0.28 11.56 -8.13
CA PHE A 31 0.38 11.68 -6.85
C PHE A 31 -0.31 12.70 -6.01
N ASP A 32 -1.50 13.06 -6.45
CA ASP A 32 -2.28 14.10 -5.80
C ASP A 32 -2.83 13.63 -4.48
N VAL A 33 -2.78 12.33 -4.30
CA VAL A 33 -3.67 11.67 -3.39
C VAL A 33 -2.88 10.45 -2.99
N PRO A 34 -2.74 10.25 -1.65
CA PRO A 34 -1.94 9.16 -1.11
C PRO A 34 -2.55 7.83 -1.53
N GLY A 35 -1.74 6.77 -1.63
CA GLY A 35 -2.28 5.47 -2.04
C GLY A 35 -1.19 4.46 -2.10
N GLY A 36 -1.52 3.18 -2.05
CA GLY A 36 -0.51 2.16 -2.00
C GLY A 36 0.41 2.08 -3.22
N VAL A 37 -0.13 2.25 -4.42
CA VAL A 37 0.71 2.13 -5.58
C VAL A 37 1.64 3.37 -5.67
N GLN A 38 1.09 4.56 -5.48
CA GLN A 38 1.88 5.78 -5.54
C GLN A 38 3.05 5.72 -4.58
N SER A 39 2.73 5.34 -3.35
CA SER A 39 3.67 5.40 -2.27
C SER A 39 4.79 4.37 -2.53
N HIS A 40 4.40 3.23 -3.07
CA HIS A 40 5.38 2.23 -3.52
C HIS A 40 6.35 2.80 -4.56
N VAL A 41 5.82 3.32 -5.67
CA VAL A 41 6.65 3.82 -6.80
C VAL A 41 7.63 4.92 -6.36
N LEU A 42 7.12 5.93 -5.68
CA LEU A 42 7.96 6.98 -5.18
C LEU A 42 9.05 6.44 -4.25
N GLN A 43 8.69 5.52 -3.37
CA GLN A 43 9.63 5.07 -2.34
C GLN A 43 10.64 4.21 -3.02
N LEU A 44 10.19 3.38 -3.94
CA LEU A 44 11.10 2.49 -4.67
C LEU A 44 12.07 3.24 -5.56
N ALA A 45 11.61 4.33 -6.18
CA ALA A 45 12.49 5.12 -7.05
C ALA A 45 13.65 5.71 -6.23
N GLU A 46 13.33 6.24 -5.06
CA GLU A 46 14.29 6.89 -4.18
C GLU A 46 15.34 5.87 -3.75
N VAL A 47 14.88 4.67 -3.43
CA VAL A 47 15.78 3.64 -2.95
C VAL A 47 16.76 3.23 -4.05
N LEU A 48 16.24 2.98 -5.25
CA LEU A 48 17.10 2.69 -6.39
C LEU A 48 18.10 3.83 -6.66
N ARG A 49 17.68 5.07 -6.46
CA ARG A 49 18.56 6.21 -6.65
C ARG A 49 19.63 6.27 -5.56
N ASP A 50 19.23 6.03 -4.30
CA ASP A 50 20.17 5.99 -3.19
C ASP A 50 21.26 5.01 -3.53
N ALA A 51 20.90 4.03 -4.36
CA ALA A 51 21.78 2.93 -4.70
C ALA A 51 22.56 3.14 -5.99
N GLY A 52 22.46 4.34 -6.59
CA GLY A 52 23.28 4.69 -7.75
C GLY A 52 22.57 4.72 -9.10
N HIS A 53 21.42 4.04 -9.20
CA HIS A 53 20.69 3.88 -10.47
C HIS A 53 19.92 5.11 -10.85
N GLU A 54 19.67 5.28 -12.14
CA GLU A 54 18.84 6.36 -12.65
C GLU A 54 17.41 5.90 -12.78
N VAL A 55 16.49 6.65 -12.20
CA VAL A 55 15.08 6.33 -12.31
C VAL A 55 14.32 7.48 -12.94
N SER A 56 13.37 7.16 -13.80
CA SER A 56 12.44 8.15 -14.35
C SER A 56 11.06 7.63 -14.06
N VAL A 57 10.22 8.45 -13.45
CA VAL A 57 8.85 7.98 -13.07
C VAL A 57 7.76 8.70 -13.86
N LEU A 58 6.94 7.95 -14.57
CA LEU A 58 5.86 8.53 -15.39
C LEU A 58 4.54 8.27 -14.66
N ALA A 59 3.68 9.28 -14.63
CA ALA A 59 2.44 9.32 -13.81
C ALA A 59 1.51 10.40 -14.38
N PRO A 60 0.20 10.33 -14.07
CA PRO A 60 -0.74 11.39 -14.52
C PRO A 60 -0.40 12.73 -13.93
N ALA A 61 -0.79 13.79 -14.60
CA ALA A 61 -0.66 15.13 -13.99
C ALA A 61 -0.98 15.05 -12.48
N SER A 62 -0.08 15.64 -11.71
CA SER A 62 -0.16 15.75 -10.27
C SER A 62 -0.03 17.25 -9.88
N PRO A 63 -1.03 18.08 -10.26
CA PRO A 63 -0.88 19.53 -10.02
C PRO A 63 -0.53 19.95 -8.57
N HIS A 64 -0.81 19.13 -7.57
CA HIS A 64 -0.89 19.68 -6.23
C HIS A 64 0.27 19.43 -5.29
N VAL A 65 1.28 18.69 -5.72
CA VAL A 65 2.30 18.21 -4.78
C VAL A 65 3.74 18.53 -5.23
N LYS A 66 4.69 18.71 -4.29
CA LYS A 66 6.09 18.93 -4.69
C LYS A 66 6.71 17.58 -5.01
N LEU A 67 6.90 17.33 -6.29
CA LEU A 67 7.47 16.10 -6.75
C LEU A 67 8.92 16.32 -7.17
N PRO A 68 9.77 15.29 -7.00
CA PRO A 68 11.16 15.48 -7.43
C PRO A 68 11.21 15.61 -8.96
N ASP A 69 12.32 16.08 -9.52
CA ASP A 69 12.34 16.42 -10.94
C ASP A 69 12.34 15.21 -11.87
N TYR A 70 12.60 14.03 -11.33
CA TYR A 70 12.53 12.84 -12.16
C TYR A 70 11.10 12.26 -12.26
N VAL A 71 10.12 12.90 -11.63
CA VAL A 71 8.74 12.56 -11.93
C VAL A 71 8.29 13.34 -13.19
N VAL A 72 7.66 12.65 -14.12
CA VAL A 72 7.32 13.24 -15.41
C VAL A 72 5.82 13.12 -15.65
N SER A 73 5.17 14.20 -16.05
CA SER A 73 3.73 14.14 -16.22
C SER A 73 3.31 13.49 -17.55
N GLY A 74 2.34 12.59 -17.46
CA GLY A 74 1.66 12.06 -18.62
C GLY A 74 0.42 12.83 -19.07
N GLY A 75 0.16 14.01 -18.55
CA GLY A 75 -1.06 14.71 -18.95
C GLY A 75 -2.18 14.22 -18.07
N LYS A 76 -3.35 14.83 -18.13
CA LYS A 76 -4.42 14.41 -17.23
C LYS A 76 -5.49 13.66 -18.00
N ALA A 77 -6.04 12.60 -17.41
CA ALA A 77 -7.19 11.88 -17.94
C ALA A 77 -8.37 12.81 -18.09
N VAL A 78 -9.16 12.67 -19.15
CA VAL A 78 -10.45 13.37 -19.19
C VAL A 78 -11.49 12.57 -19.98
N PHE A 91 -7.34 8.71 -21.30
CA PHE A 91 -6.33 9.71 -21.78
C PHE A 91 -6.35 10.13 -23.25
N GLY A 92 -6.21 11.43 -23.47
CA GLY A 92 -6.17 12.01 -24.82
C GLY A 92 -4.86 11.87 -25.64
N PRO A 93 -4.92 12.23 -26.94
CA PRO A 93 -3.78 12.18 -27.87
C PRO A 93 -2.41 12.67 -27.35
N ALA A 94 -2.34 13.81 -26.63
CA ALA A 94 -1.07 14.30 -26.04
C ALA A 94 -0.38 13.28 -25.09
N THR A 95 -1.20 12.48 -24.39
CA THR A 95 -0.69 11.47 -23.46
C THR A 95 -0.07 10.32 -24.24
N HIS A 96 -0.74 9.86 -25.29
CA HIS A 96 -0.18 8.86 -26.19
C HIS A 96 1.13 9.36 -26.80
N ARG A 97 1.21 10.64 -27.20
CA ARG A 97 2.49 11.21 -27.63
C ARG A 97 3.49 11.10 -26.50
N LYS A 98 3.09 11.52 -25.30
CA LYS A 98 4.05 11.70 -24.25
C LYS A 98 4.65 10.36 -23.80
N VAL A 99 3.81 9.35 -23.67
CA VAL A 99 4.29 8.01 -23.42
C VAL A 99 5.33 7.60 -24.48
N LYS A 100 5.04 7.81 -25.76
CA LYS A 100 5.97 7.39 -26.81
C LYS A 100 7.29 8.19 -26.78
N LYS A 101 7.20 9.51 -26.62
CA LYS A 101 8.38 10.37 -26.51
C LYS A 101 9.27 9.97 -25.36
N TRP A 102 8.66 9.64 -24.22
CA TRP A 102 9.35 9.25 -22.99
C TRP A 102 10.11 7.93 -23.14
N ILE A 103 9.44 6.95 -23.75
CA ILE A 103 10.03 5.65 -23.94
C ILE A 103 11.23 5.80 -24.89
N ALA A 104 10.97 6.40 -26.04
CA ALA A 104 11.96 6.52 -27.12
C ALA A 104 13.18 7.31 -26.72
N GLU A 105 13.01 8.25 -25.79
CA GLU A 105 14.10 9.11 -25.40
C GLU A 105 14.70 8.70 -24.06
N GLY A 106 14.03 7.80 -23.37
CA GLY A 106 14.40 7.44 -22.01
C GLY A 106 15.66 6.61 -21.84
N ASP A 107 15.99 5.80 -22.85
CA ASP A 107 17.16 4.93 -22.87
C ASP A 107 17.11 3.91 -21.75
N PHE A 108 15.93 3.39 -21.46
CA PHE A 108 15.76 2.61 -20.26
C PHE A 108 16.23 1.19 -20.42
N ASP A 109 16.91 0.69 -19.40
CA ASP A 109 17.32 -0.70 -19.32
C ASP A 109 16.14 -1.59 -18.94
N VAL A 110 15.21 -1.03 -18.17
CA VAL A 110 14.07 -1.76 -17.68
C VAL A 110 12.90 -0.76 -17.63
N LEU A 111 11.71 -1.22 -17.99
CA LEU A 111 10.48 -0.46 -17.80
C LEU A 111 9.73 -1.24 -16.76
N HIS A 112 9.39 -0.57 -15.66
CA HIS A 112 8.68 -1.19 -14.58
C HIS A 112 7.31 -0.53 -14.47
N ILE A 113 6.30 -1.26 -14.89
CA ILE A 113 4.92 -0.76 -14.88
C ILE A 113 4.21 -1.33 -13.67
N HIS A 114 3.36 -0.54 -13.06
CA HIS A 114 2.58 -0.93 -11.88
C HIS A 114 1.10 -0.94 -12.22
N GLU A 115 0.39 -2.00 -11.79
CA GLU A 115 -1.05 -2.11 -11.96
C GLU A 115 -1.50 -1.89 -13.37
N PRO A 116 -1.09 -2.76 -14.30
CA PRO A 116 -1.48 -2.47 -15.68
C PRO A 116 -2.95 -2.85 -15.99
N ASN A 117 -3.93 -2.10 -15.48
CA ASN A 117 -5.31 -2.44 -15.77
C ASN A 117 -5.66 -1.80 -17.06
N ALA A 118 -6.82 -2.12 -17.61
CA ALA A 118 -7.23 -1.49 -18.84
C ALA A 118 -8.57 -0.78 -18.64
N PRO A 119 -8.66 0.52 -19.01
CA PRO A 119 -7.54 1.39 -19.48
C PRO A 119 -6.74 1.97 -18.32
N SER A 120 -5.57 2.55 -18.61
CA SER A 120 -4.72 3.21 -17.62
C SER A 120 -3.43 3.59 -18.28
N LEU A 121 -2.73 4.55 -17.67
CA LEU A 121 -1.45 5.05 -18.15
C LEU A 121 -0.52 3.85 -18.28
N SER A 122 -0.67 2.91 -17.34
CA SER A 122 0.17 1.78 -17.32
C SER A 122 -0.03 0.89 -18.53
N MET A 123 -1.28 0.59 -18.88
CA MET A 123 -1.57 -0.24 -20.05
C MET A 123 -1.17 0.47 -21.35
N LEU A 124 -1.27 1.80 -21.35
CA LEU A 124 -0.80 2.60 -22.46
C LEU A 124 0.69 2.39 -22.63
N ALA A 125 1.46 2.51 -21.56
CA ALA A 125 2.90 2.20 -21.63
C ALA A 125 3.16 0.75 -22.12
N LEU A 126 2.40 -0.20 -21.61
CA LEU A 126 2.65 -1.59 -21.95
C LEU A 126 2.39 -1.81 -23.43
N GLN A 127 1.41 -1.09 -23.97
CA GLN A 127 1.15 -1.20 -25.40
C GLN A 127 2.22 -0.49 -26.24
N ALA A 128 2.85 0.57 -25.72
CA ALA A 128 3.72 1.35 -26.59
C ALA A 128 5.13 0.78 -26.57
N ALA A 129 5.50 0.06 -25.51
CA ALA A 129 6.87 -0.33 -25.31
C ALA A 129 7.16 -1.77 -25.77
N GLU A 130 8.40 -2.04 -26.21
CA GLU A 130 8.93 -3.39 -26.51
C GLU A 130 10.14 -3.57 -25.61
N GLY A 131 10.37 -4.80 -25.14
CA GLY A 131 11.68 -5.16 -24.55
C GLY A 131 11.69 -5.60 -23.12
N PRO A 132 12.70 -5.19 -22.32
CA PRO A 132 12.75 -5.53 -20.88
C PRO A 132 11.68 -4.83 -20.05
N ILE A 133 10.57 -5.50 -19.81
CA ILE A 133 9.41 -4.92 -19.16
C ILE A 133 9.05 -5.77 -17.95
N VAL A 134 8.80 -5.10 -16.83
CA VAL A 134 8.47 -5.72 -15.58
C VAL A 134 7.23 -5.04 -15.12
N ALA A 135 6.31 -5.81 -14.53
CA ALA A 135 5.06 -5.25 -14.02
C ALA A 135 4.84 -5.76 -12.64
N THR A 136 4.33 -4.88 -11.80
CA THR A 136 3.86 -5.29 -10.50
C THR A 136 2.38 -5.16 -10.46
N PHE A 137 1.73 -6.27 -10.11
CA PHE A 137 0.30 -6.35 -9.91
C PHE A 137 -0.04 -6.13 -8.44
N HIS A 138 -0.34 -4.89 -8.09
CA HIS A 138 -0.79 -4.56 -6.76
C HIS A 138 -2.11 -5.16 -6.35
N THR A 139 -3.17 -4.95 -7.12
CA THR A 139 -4.46 -5.50 -6.73
C THR A 139 -4.76 -6.86 -7.41
N SER A 140 -5.75 -7.56 -6.83
CA SER A 140 -6.33 -8.81 -7.37
C SER A 140 -7.60 -9.07 -6.58
N THR A 141 -8.55 -9.81 -7.17
CA THR A 141 -9.66 -10.36 -6.37
C THR A 141 -9.53 -11.86 -6.36
N THR A 142 -9.54 -12.47 -7.54
CA THR A 142 -9.81 -13.92 -7.66
C THR A 142 -8.99 -14.59 -8.76
N LYS A 143 -8.96 -15.93 -8.69
CA LYS A 143 -8.44 -16.77 -9.77
C LYS A 143 -9.17 -16.42 -11.09
N SER A 144 -10.52 -16.45 -11.05
CA SER A 144 -11.43 -16.12 -12.16
C SER A 144 -11.06 -14.84 -12.94
N LEU A 145 -11.05 -13.70 -12.24
CA LEU A 145 -10.67 -12.40 -12.81
C LEU A 145 -9.22 -12.34 -13.32
N THR A 146 -8.31 -13.14 -12.73
CA THR A 146 -6.90 -13.22 -13.16
C THR A 146 -6.70 -14.00 -14.47
N LEU A 147 -7.27 -15.22 -14.53
CA LEU A 147 -7.31 -16.02 -15.77
C LEU A 147 -7.87 -15.21 -16.96
N SER A 148 -9.07 -14.64 -16.77
CA SER A 148 -9.83 -13.96 -17.81
C SER A 148 -9.20 -12.67 -18.34
N VAL A 149 -8.78 -11.77 -17.44
CA VAL A 149 -7.96 -10.59 -17.83
C VAL A 149 -6.61 -10.97 -18.51
N PHE A 150 -5.88 -11.95 -17.97
CA PHE A 150 -4.59 -12.33 -18.61
C PHE A 150 -4.80 -13.13 -19.91
N GLN A 151 -5.79 -14.04 -19.93
CA GLN A 151 -6.19 -14.79 -21.15
C GLN A 151 -7.07 -14.05 -22.16
N GLY A 152 -7.53 -12.84 -21.81
CA GLY A 152 -8.47 -12.03 -22.60
C GLY A 152 -7.93 -11.41 -23.87
N ILE A 153 -8.55 -10.34 -24.35
CA ILE A 153 -7.99 -9.65 -25.51
C ILE A 153 -6.74 -8.83 -25.21
N LEU A 154 -6.38 -8.67 -23.93
CA LEU A 154 -5.18 -7.91 -23.62
C LEU A 154 -3.97 -8.84 -23.56
N ARG A 155 -4.25 -10.12 -23.89
CA ARG A 155 -3.21 -11.14 -23.78
C ARG A 155 -1.91 -10.79 -24.52
N PRO A 156 -1.98 -10.42 -25.85
CA PRO A 156 -0.80 -9.91 -26.56
C PRO A 156 0.08 -8.98 -25.70
N TYR A 157 -0.52 -8.00 -25.01
CA TYR A 157 0.20 -7.08 -24.14
C TYR A 157 0.73 -7.70 -22.87
N HIS A 158 -0.05 -8.58 -22.25
CA HIS A 158 0.40 -9.20 -21.02
C HIS A 158 1.55 -10.15 -21.32
N GLU A 159 1.47 -10.86 -22.45
CA GLU A 159 2.62 -11.69 -22.90
C GLU A 159 3.99 -10.94 -23.12
N LYS A 160 3.95 -9.63 -23.40
CA LYS A 160 5.15 -8.75 -23.42
C LYS A 160 5.77 -8.48 -22.01
N ILE A 161 5.04 -8.80 -20.94
CA ILE A 161 5.61 -8.61 -19.62
C ILE A 161 6.60 -9.73 -19.38
N ILE A 162 7.87 -9.36 -19.27
CA ILE A 162 8.93 -10.32 -19.11
C ILE A 162 9.14 -10.68 -17.64
N GLY A 163 8.94 -9.75 -16.72
CA GLY A 163 9.11 -10.03 -15.30
C GLY A 163 7.80 -9.61 -14.65
N ARG A 164 7.14 -10.56 -14.00
CA ARG A 164 5.83 -10.38 -13.40
C ARG A 164 6.01 -10.45 -11.91
N ILE A 165 5.60 -9.41 -11.20
CA ILE A 165 5.69 -9.40 -9.76
C ILE A 165 4.28 -9.37 -9.20
N ALA A 166 4.03 -10.27 -8.27
CA ALA A 166 2.77 -10.29 -7.58
C ALA A 166 3.05 -10.05 -6.07
N VAL A 167 2.12 -9.41 -5.35
CA VAL A 167 2.25 -9.12 -3.91
C VAL A 167 1.70 -10.21 -2.92
N SER A 168 1.24 -11.36 -3.41
CA SER A 168 1.03 -12.54 -2.51
C SER A 168 1.38 -13.86 -3.22
N ASP A 169 1.53 -14.96 -2.51
CA ASP A 169 1.77 -16.23 -3.20
C ASP A 169 0.56 -16.69 -4.00
N LEU A 170 -0.63 -16.27 -3.61
CA LEU A 170 -1.77 -16.78 -4.29
C LEU A 170 -1.96 -16.04 -5.61
N ALA A 171 -2.01 -14.72 -5.54
CA ALA A 171 -2.09 -13.92 -6.74
C ALA A 171 -1.08 -14.52 -7.75
N ARG A 172 0.15 -14.72 -7.29
CA ARG A 172 1.22 -15.31 -8.09
C ARG A 172 0.90 -16.65 -8.76
N ARG A 173 0.43 -17.60 -7.98
CA ARG A 173 0.03 -18.87 -8.54
C ARG A 173 -1.07 -18.62 -9.57
N TRP A 174 -1.85 -17.54 -9.38
CA TRP A 174 -2.93 -17.23 -10.31
C TRP A 174 -2.44 -16.84 -11.72
N GLN A 175 -1.42 -15.98 -11.76
CA GLN A 175 -0.79 -15.58 -13.01
C GLN A 175 0.02 -16.67 -13.69
N MET A 176 0.63 -17.54 -12.91
CA MET A 176 1.32 -18.72 -13.48
C MET A 176 0.30 -19.71 -14.11
N GLU A 177 -0.85 -19.90 -13.49
CA GLU A 177 -1.86 -20.70 -14.12
C GLU A 177 -2.51 -20.00 -15.35
N ALA A 178 -2.63 -18.67 -15.31
CA ALA A 178 -3.22 -17.91 -16.43
C ALA A 178 -2.39 -17.96 -17.71
N LEU A 179 -1.10 -17.60 -17.58
CA LEU A 179 -0.21 -17.41 -18.72
C LEU A 179 0.85 -18.47 -18.93
N GLY A 180 0.93 -19.46 -18.05
CA GLY A 180 1.91 -20.56 -18.16
C GLY A 180 3.38 -20.12 -18.04
N SER A 181 3.64 -19.02 -17.35
CA SER A 181 5.02 -18.59 -17.21
C SER A 181 5.27 -17.95 -15.84
N ASP A 182 6.40 -18.33 -15.27
CA ASP A 182 6.89 -17.84 -13.98
C ASP A 182 6.42 -16.43 -13.60
N ALA A 183 5.97 -16.29 -12.36
CA ALA A 183 5.85 -15.02 -11.74
C ALA A 183 6.54 -15.11 -10.38
N VAL A 184 6.81 -13.98 -9.78
CA VAL A 184 7.45 -13.97 -8.50
C VAL A 184 6.60 -13.18 -7.49
N GLU A 185 6.66 -13.59 -6.22
CA GLU A 185 6.02 -12.82 -5.14
C GLU A 185 6.97 -11.87 -4.44
N ILE A 186 6.70 -10.58 -4.48
CA ILE A 186 7.51 -9.63 -3.71
C ILE A 186 6.58 -8.72 -2.98
N PRO A 187 6.64 -8.76 -1.62
CA PRO A 187 5.80 -7.90 -0.79
C PRO A 187 6.25 -6.47 -1.02
N ASN A 188 5.33 -5.52 -1.04
CA ASN A 188 5.73 -4.12 -1.12
C ASN A 188 6.55 -3.69 0.14
N GLY A 189 7.49 -2.75 -0.01
CA GLY A 189 8.40 -2.39 1.07
C GLY A 189 7.95 -1.22 1.94
N VAL A 190 8.63 -1.01 3.04
CA VAL A 190 8.51 0.24 3.77
C VAL A 190 9.91 0.62 4.22
N ASP A 191 10.02 1.84 4.71
CA ASP A 191 11.20 2.24 5.45
C ASP A 191 10.93 1.97 6.92
N VAL A 192 11.42 0.85 7.41
CA VAL A 192 11.09 0.42 8.76
C VAL A 192 11.64 1.38 9.82
N ALA A 193 12.69 2.13 9.48
CA ALA A 193 13.38 2.93 10.50
C ALA A 193 12.67 4.27 10.61
N SER A 194 11.95 4.62 9.55
CA SER A 194 11.32 5.93 9.58
C SER A 194 10.08 5.90 10.43
N PHE A 195 9.54 4.70 10.67
CA PHE A 195 8.43 4.51 11.60
C PHE A 195 9.06 4.35 13.00
N ALA A 196 9.82 3.27 13.17
CA ALA A 196 10.55 3.01 14.39
C ALA A 196 11.09 4.24 15.18
N ASP A 197 11.70 5.18 14.47
CA ASP A 197 12.41 6.33 15.06
C ASP A 197 11.66 7.65 14.89
N ALA A 198 10.38 7.53 14.50
CA ALA A 198 9.44 8.66 14.48
C ALA A 198 9.34 9.21 15.89
N PRO A 199 9.33 10.53 16.00
CA PRO A 199 9.06 11.14 17.28
C PRO A 199 7.57 11.07 17.62
N LEU A 200 7.23 10.81 18.88
CA LEU A 200 5.83 10.82 19.35
C LEU A 200 5.21 12.20 19.19
N LEU A 201 3.92 12.30 18.92
CA LEU A 201 3.27 13.59 18.82
C LEU A 201 3.20 14.25 20.21
N ASP A 202 3.25 15.58 20.28
CA ASP A 202 2.93 16.31 21.50
C ASP A 202 1.85 15.63 22.33
N GLY A 203 2.08 15.49 23.63
CA GLY A 203 1.09 14.91 24.56
C GLY A 203 0.67 13.45 24.35
N TYR A 204 1.50 12.66 23.66
CA TYR A 204 1.27 11.21 23.48
C TYR A 204 2.40 10.43 24.12
N PRO A 205 2.12 9.19 24.63
CA PRO A 205 0.89 8.38 24.53
C PRO A 205 -0.15 8.94 25.49
N ARG A 206 -1.38 8.44 25.44
CA ARG A 206 -2.42 9.04 26.27
C ARG A 206 -2.75 8.23 27.53
N GLU A 207 -3.14 8.89 28.63
CA GLU A 207 -3.63 8.15 29.80
C GLU A 207 -4.87 7.31 29.41
N GLY A 208 -5.85 8.00 28.76
CA GLY A 208 -7.08 7.32 28.35
C GLY A 208 -6.85 6.32 27.22
N ARG A 209 -5.59 6.17 26.80
CA ARG A 209 -5.16 5.21 25.80
C ARG A 209 -5.73 5.61 24.43
N THR A 210 -5.04 5.32 23.32
CA THR A 210 -5.52 5.80 22.03
C THR A 210 -5.56 4.73 20.93
N VAL A 211 -6.58 4.75 20.08
CA VAL A 211 -6.62 3.83 18.94
C VAL A 211 -6.59 4.50 17.57
N LEU A 212 -5.75 3.97 16.69
CA LEU A 212 -5.51 4.62 15.41
C LEU A 212 -6.23 3.93 14.27
N PHE A 213 -6.89 4.73 13.43
CA PHE A 213 -7.53 4.24 12.22
C PHE A 213 -7.00 5.06 11.06
N LEU A 214 -6.63 4.39 10.00
CA LEU A 214 -5.99 5.08 8.91
C LEU A 214 -6.63 4.73 7.55
N GLY A 215 -7.29 5.68 6.91
CA GLY A 215 -7.76 5.41 5.57
C GLY A 215 -8.81 6.36 5.09
N ARG A 216 -9.29 6.10 3.88
CA ARG A 216 -10.38 6.85 3.28
C ARG A 216 -11.61 6.33 3.96
N TYR A 217 -11.85 6.85 5.16
CA TYR A 217 -12.94 6.36 6.02
C TYR A 217 -14.36 6.37 5.46
N ASP A 218 -14.66 7.08 4.38
CA ASP A 218 -16.04 7.00 3.95
C ASP A 218 -16.30 6.01 2.82
N GLU A 219 -15.27 5.21 2.48
CA GLU A 219 -15.47 3.98 1.67
C GLU A 219 -15.77 2.85 2.69
N PRO A 220 -16.93 2.15 2.53
CA PRO A 220 -17.33 1.07 3.46
C PRO A 220 -16.30 -0.05 3.58
N ARG A 221 -15.60 -0.34 2.48
CA ARG A 221 -14.57 -1.40 2.50
C ARG A 221 -13.45 -1.14 3.52
N LYS A 222 -13.21 0.13 3.81
CA LYS A 222 -12.20 0.51 4.80
C LYS A 222 -12.65 0.25 6.25
N GLY A 223 -13.94 -0.01 6.45
CA GLY A 223 -14.48 -0.59 7.68
C GLY A 223 -14.71 0.33 8.86
N MET A 224 -14.76 1.62 8.57
CA MET A 224 -15.03 2.59 9.62
C MET A 224 -16.33 2.26 10.39
N ALA A 225 -17.33 1.72 9.68
CA ALA A 225 -18.62 1.40 10.32
C ALA A 225 -18.50 0.38 11.46
N VAL A 226 -17.52 -0.51 11.34
CA VAL A 226 -17.26 -1.54 12.33
C VAL A 226 -16.68 -0.89 13.59
N LEU A 227 -15.61 -0.11 13.41
CA LEU A 227 -14.96 0.62 14.53
C LEU A 227 -15.95 1.61 15.17
N LEU A 228 -16.88 2.10 14.37
CA LEU A 228 -17.95 2.92 14.89
C LEU A 228 -18.87 2.11 15.78
N ALA A 229 -19.23 0.91 15.32
CA ALA A 229 -20.18 0.04 16.02
C ALA A 229 -19.61 -0.48 17.34
N ALA A 230 -18.29 -0.65 17.39
CA ALA A 230 -17.60 -1.11 18.59
C ALA A 230 -17.28 0.01 19.60
N LEU A 231 -17.27 1.25 19.11
CA LEU A 231 -16.93 2.39 19.94
C LEU A 231 -17.65 2.47 21.30
N PRO A 232 -19.00 2.23 21.34
CA PRO A 232 -19.66 2.27 22.66
C PRO A 232 -19.10 1.23 23.62
N LYS A 233 -18.86 0.01 23.14
CA LYS A 233 -18.25 -1.00 23.98
C LYS A 233 -16.88 -0.53 24.46
N LEU A 234 -16.09 0.09 23.57
CA LEU A 234 -14.78 0.70 23.90
C LEU A 234 -14.83 1.80 24.95
N VAL A 235 -15.63 2.83 24.68
CA VAL A 235 -15.76 3.98 25.56
C VAL A 235 -16.18 3.57 26.97
N ALA A 236 -17.05 2.57 27.08
CA ALA A 236 -17.47 2.08 28.40
C ALA A 236 -16.25 1.52 29.14
N ARG A 237 -15.25 1.06 28.41
CA ARG A 237 -14.08 0.43 29.01
C ARG A 237 -12.95 1.42 29.38
N PHE A 238 -12.71 2.39 28.48
CA PHE A 238 -11.71 3.45 28.66
C PHE A 238 -12.37 4.84 28.46
N PRO A 239 -13.02 5.39 29.51
CA PRO A 239 -13.87 6.59 29.35
C PRO A 239 -13.15 7.75 28.67
N ASP A 240 -11.83 7.63 28.57
CA ASP A 240 -11.01 8.69 28.02
C ASP A 240 -10.32 8.29 26.71
N VAL A 241 -10.76 7.19 26.11
CA VAL A 241 -10.21 6.72 24.81
C VAL A 241 -10.29 7.77 23.71
N GLU A 242 -9.23 7.83 22.91
CA GLU A 242 -9.28 8.64 21.70
C GLU A 242 -9.18 7.76 20.46
N ILE A 243 -10.15 7.90 19.54
CA ILE A 243 -10.00 7.33 18.21
C ILE A 243 -9.33 8.33 17.29
N LEU A 244 -8.05 8.10 17.02
CA LEU A 244 -7.21 9.01 16.27
C LEU A 244 -7.30 8.59 14.80
N ILE A 245 -7.83 9.47 13.95
CA ILE A 245 -8.15 9.06 12.59
C ILE A 245 -7.31 9.82 11.59
N VAL A 246 -6.54 9.08 10.79
CA VAL A 246 -5.73 9.65 9.69
C VAL A 246 -6.45 9.36 8.38
N GLY A 247 -6.52 10.38 7.52
CA GLY A 247 -7.06 10.26 6.18
C GLY A 247 -8.14 11.26 5.83
N ARG A 248 -8.42 11.36 4.53
CA ARG A 248 -9.49 12.24 4.01
C ARG A 248 -10.89 11.68 4.17
N GLY A 249 -11.81 12.56 4.53
CA GLY A 249 -13.21 12.18 4.64
C GLY A 249 -14.16 13.28 5.06
N ASP A 250 -15.44 12.90 5.09
CA ASP A 250 -16.52 13.73 5.59
C ASP A 250 -16.53 13.57 7.10
N GLU A 251 -15.96 14.56 7.77
CA GLU A 251 -15.87 14.53 9.21
C GLU A 251 -17.23 14.70 9.83
N ASP A 252 -17.99 15.64 9.28
CA ASP A 252 -19.35 15.87 9.72
C ASP A 252 -20.17 14.59 9.75
N GLU A 253 -20.30 13.91 8.61
CA GLU A 253 -21.14 12.71 8.48
C GLU A 253 -20.83 11.65 9.55
N LEU A 254 -19.57 11.59 9.99
CA LEU A 254 -19.13 10.56 10.93
C LEU A 254 -19.38 11.01 12.34
N ARG A 255 -19.00 12.26 12.60
CA ARG A 255 -19.30 12.92 13.87
C ARG A 255 -20.74 12.72 14.26
N GLU A 256 -21.67 13.17 13.41
CA GLU A 256 -23.11 13.01 13.63
C GLU A 256 -23.48 11.55 13.87
N GLN A 257 -22.80 10.64 13.20
CA GLN A 257 -23.02 9.20 13.37
C GLN A 257 -22.60 8.66 14.73
N ALA A 258 -21.37 8.96 15.12
CA ALA A 258 -20.87 8.61 16.46
C ALA A 258 -21.77 9.15 17.57
N GLY A 259 -22.82 9.87 17.18
CA GLY A 259 -23.78 10.41 18.11
C GLY A 259 -23.06 10.93 19.33
N ASP A 260 -23.47 10.44 20.51
CA ASP A 260 -22.94 10.87 21.81
C ASP A 260 -21.41 10.89 21.92
N LEU A 261 -20.76 10.01 21.16
CA LEU A 261 -19.36 9.68 21.34
C LEU A 261 -18.42 10.43 20.39
N ALA A 262 -18.97 11.43 19.70
CA ALA A 262 -18.20 12.19 18.70
C ALA A 262 -16.99 12.93 19.28
N GLY A 263 -17.04 13.20 20.58
CA GLY A 263 -15.94 13.88 21.29
C GLY A 263 -14.68 13.05 21.37
N HIS A 264 -14.81 11.75 21.13
CA HIS A 264 -13.71 10.82 21.31
C HIS A 264 -12.95 10.57 20.07
N LEU A 265 -13.36 11.24 19.00
CA LEU A 265 -12.72 11.09 17.71
C LEU A 265 -11.85 12.32 17.55
N ARG A 266 -10.65 12.11 17.03
CA ARG A 266 -9.74 13.21 16.72
C ARG A 266 -9.18 13.00 15.33
N PHE A 267 -9.52 13.93 14.45
CA PHE A 267 -9.20 13.83 13.05
C PHE A 267 -7.93 14.61 12.77
N LEU A 268 -6.85 13.92 12.52
CA LEU A 268 -5.80 14.48 11.72
C LEU A 268 -6.43 14.45 10.32
N GLY A 269 -6.07 15.36 9.46
CA GLY A 269 -6.63 15.20 8.13
C GLY A 269 -5.84 14.18 7.34
N GLN A 270 -5.65 14.49 6.06
CA GLN A 270 -4.77 13.78 5.17
C GLN A 270 -3.37 14.29 5.41
N VAL A 271 -2.72 13.78 6.46
CA VAL A 271 -1.41 14.29 6.89
C VAL A 271 -0.24 13.74 6.06
N ASP A 272 0.92 14.38 6.14
CA ASP A 272 2.13 13.96 5.47
C ASP A 272 2.72 12.73 6.13
N ASP A 273 3.68 12.10 5.44
CA ASP A 273 4.23 10.84 5.94
C ASP A 273 4.95 10.96 7.25
N ALA A 274 5.63 12.08 7.48
CA ALA A 274 6.38 12.23 8.75
C ALA A 274 5.40 12.26 9.93
N THR A 275 4.28 12.97 9.75
CA THR A 275 3.23 13.04 10.76
C THR A 275 2.53 11.72 10.98
N LYS A 276 2.33 10.95 9.91
CA LYS A 276 1.63 9.66 9.96
C LYS A 276 2.45 8.63 10.73
N ALA A 277 3.75 8.59 10.44
CA ALA A 277 4.68 7.83 11.26
C ALA A 277 4.55 8.29 12.67
N SER A 278 4.66 9.59 12.93
CA SER A 278 4.51 10.06 14.33
C SER A 278 3.20 9.61 14.98
N ALA A 279 2.07 9.87 14.33
CA ALA A 279 0.72 9.41 14.78
C ALA A 279 0.66 7.92 15.09
N MET A 280 1.31 7.13 14.26
CA MET A 280 1.34 5.69 14.39
C MET A 280 2.11 5.25 15.65
N ARG A 281 3.32 5.76 15.82
CA ARG A 281 4.15 5.47 16.99
C ARG A 281 3.43 5.90 18.23
N SER A 282 2.61 6.93 18.14
CA SER A 282 2.05 7.50 19.36
C SER A 282 0.69 6.95 19.77
N ALA A 283 0.23 5.95 19.04
CA ALA A 283 -1.04 5.29 19.28
C ALA A 283 -0.76 4.06 20.11
N ASP A 284 -1.76 3.47 20.74
CA ASP A 284 -1.55 2.27 21.56
C ASP A 284 -1.89 0.98 20.83
N VAL A 285 -2.93 1.07 20.01
CA VAL A 285 -3.33 0.03 19.07
C VAL A 285 -3.62 0.68 17.72
N TYR A 286 -3.28 -0.06 16.67
CA TYR A 286 -3.71 0.28 15.31
C TYR A 286 -4.83 -0.65 14.89
N CYS A 287 -5.95 -0.08 14.47
CA CYS A 287 -7.09 -0.89 14.13
C CYS A 287 -7.36 -0.93 12.61
N ALA A 288 -7.28 -2.11 12.00
CA ALA A 288 -7.62 -2.26 10.56
C ALA A 288 -8.90 -3.08 10.38
N PRO A 289 -10.06 -2.40 10.33
CA PRO A 289 -11.34 -3.13 10.32
C PRO A 289 -11.86 -3.39 8.92
N HIS A 290 -11.00 -3.42 7.91
CA HIS A 290 -11.45 -3.38 6.52
C HIS A 290 -12.42 -4.52 6.22
N LEU A 291 -13.20 -4.40 5.15
CA LEU A 291 -14.20 -5.44 4.86
C LEU A 291 -13.77 -6.29 3.68
N GLY A 292 -12.78 -5.81 2.93
CA GLY A 292 -12.36 -6.42 1.68
C GLY A 292 -11.66 -5.38 0.84
N GLY A 293 -11.49 -5.68 -0.45
CA GLY A 293 -10.73 -4.81 -1.35
C GLY A 293 -9.30 -4.55 -0.91
N GLU A 294 -8.69 -5.51 -0.21
CA GLU A 294 -7.31 -5.31 0.24
C GLU A 294 -6.45 -6.48 -0.18
N SER A 295 -5.47 -6.24 -1.05
CA SER A 295 -4.63 -7.33 -1.58
C SER A 295 -3.35 -7.55 -0.75
N PHE A 296 -3.02 -6.58 0.09
CA PHE A 296 -1.76 -6.55 0.80
C PHE A 296 -1.90 -5.72 2.05
N GLY A 297 -1.31 -6.07 3.13
CA GLY A 297 -1.78 -5.19 4.26
C GLY A 297 -0.92 -4.00 4.64
N ILE A 298 -0.56 -3.12 3.71
CA ILE A 298 0.64 -2.32 4.03
C ILE A 298 0.54 -1.45 5.25
N VAL A 299 -0.60 -0.79 5.48
CA VAL A 299 -0.71 0.02 6.71
C VAL A 299 -0.39 -0.86 7.93
N LEU A 300 -0.74 -2.15 7.85
CA LEU A 300 -0.48 -3.02 8.96
C LEU A 300 1.02 -3.06 9.12
N VAL A 301 1.73 -3.40 8.06
CA VAL A 301 3.18 -3.32 8.09
C VAL A 301 3.69 -1.99 8.68
N GLU A 302 3.08 -0.88 8.32
CA GLU A 302 3.54 0.37 8.89
C GLU A 302 3.39 0.37 10.42
N ALA A 303 2.26 -0.12 10.96
CA ALA A 303 2.02 -0.18 12.42
C ALA A 303 2.99 -1.15 13.13
N MET A 304 3.34 -2.24 12.47
CA MET A 304 4.33 -3.12 13.01
C MET A 304 5.72 -2.40 13.11
N ALA A 305 6.18 -1.76 12.02
CA ALA A 305 7.43 -0.95 12.07
C ALA A 305 7.46 0.13 13.16
N ALA A 306 6.29 0.66 13.50
CA ALA A 306 6.27 1.68 14.52
C ALA A 306 6.36 1.08 15.93
N GLY A 307 6.12 -0.21 16.08
CA GLY A 307 5.98 -0.81 17.40
C GLY A 307 4.62 -0.56 18.04
N THR A 308 3.60 -0.34 17.22
CA THR A 308 2.24 -0.31 17.72
C THR A 308 1.56 -1.62 17.42
N ALA A 309 1.08 -2.28 18.48
CA ALA A 309 0.31 -3.52 18.32
C ALA A 309 -0.80 -3.28 17.31
N VAL A 310 -0.99 -4.26 16.44
CA VAL A 310 -2.04 -4.24 15.44
C VAL A 310 -3.20 -5.13 15.90
N VAL A 311 -4.42 -4.65 15.70
CA VAL A 311 -5.62 -5.48 15.69
C VAL A 311 -6.24 -5.32 14.33
N ALA A 312 -6.58 -6.45 13.68
CA ALA A 312 -7.01 -6.45 12.26
C ALA A 312 -8.13 -7.43 11.84
N SER A 313 -8.84 -7.01 10.81
CA SER A 313 -10.03 -7.66 10.27
C SER A 313 -9.99 -9.09 9.73
N ASP A 314 -8.84 -9.69 9.41
CA ASP A 314 -8.84 -11.16 9.00
C ASP A 314 -9.30 -11.40 7.56
N LEU A 315 -8.83 -10.49 6.70
CA LEU A 315 -8.89 -10.66 5.26
C LEU A 315 -7.69 -11.51 4.93
N ASP A 316 -7.78 -12.32 3.88
CA ASP A 316 -6.66 -13.15 3.49
C ASP A 316 -5.35 -12.34 3.64
N ALA A 317 -5.27 -11.14 3.05
CA ALA A 317 -3.99 -10.42 3.05
C ALA A 317 -3.51 -10.00 4.42
N PHE A 318 -4.43 -9.69 5.36
CA PHE A 318 -4.05 -9.25 6.71
C PHE A 318 -3.52 -10.40 7.54
N ARG A 319 -4.14 -11.56 7.33
CA ARG A 319 -3.67 -12.79 7.96
C ARG A 319 -2.21 -13.05 7.59
N ARG A 320 -1.85 -12.77 6.35
CA ARG A 320 -0.50 -13.04 5.93
C ARG A 320 0.46 -12.10 6.66
N VAL A 321 0.08 -10.84 6.77
CA VAL A 321 0.94 -9.89 7.43
C VAL A 321 1.08 -10.16 8.94
N LEU A 322 0.02 -10.64 9.58
CA LEU A 322 0.08 -10.85 11.01
C LEU A 322 0.50 -12.27 11.31
N ALA A 323 0.84 -13.00 10.23
CA ALA A 323 1.25 -14.40 10.26
C ALA A 323 0.34 -15.23 11.16
N ASP A 324 -0.90 -15.41 10.70
CA ASP A 324 -1.87 -16.28 11.37
C ASP A 324 -2.16 -15.89 12.82
N GLY A 325 -1.82 -14.67 13.24
CA GLY A 325 -2.15 -14.26 14.59
C GLY A 325 -1.01 -14.22 15.58
N ASP A 326 0.18 -14.57 15.09
CA ASP A 326 1.41 -14.52 15.87
C ASP A 326 2.00 -13.10 15.97
N ALA A 327 1.70 -12.20 15.04
CA ALA A 327 2.35 -10.89 15.07
C ALA A 327 1.38 -9.71 15.20
N GLY A 328 0.13 -10.03 15.55
CA GLY A 328 -1.00 -9.10 15.68
C GLY A 328 -2.24 -9.94 15.94
N ARG A 329 -3.32 -9.30 16.41
CA ARG A 329 -4.57 -10.00 16.72
C ARG A 329 -5.55 -9.90 15.55
N LEU A 330 -6.07 -11.05 15.16
CA LEU A 330 -7.07 -11.18 14.11
C LEU A 330 -8.48 -11.42 14.66
N VAL A 331 -9.44 -10.86 13.93
CA VAL A 331 -10.83 -10.74 14.35
C VAL A 331 -11.67 -11.15 13.14
N PRO A 332 -12.79 -11.88 13.33
CA PRO A 332 -13.69 -12.18 12.20
C PRO A 332 -14.11 -10.89 11.46
N VAL A 333 -14.58 -11.05 10.23
CA VAL A 333 -14.70 -9.95 9.26
C VAL A 333 -15.68 -8.85 9.59
N ASP A 334 -16.98 -9.10 9.61
CA ASP A 334 -17.84 -7.92 9.78
C ASP A 334 -18.38 -7.72 11.21
N ASP A 335 -17.53 -7.94 12.20
CA ASP A 335 -17.97 -8.18 13.58
C ASP A 335 -17.50 -7.11 14.55
N ALA A 336 -18.31 -6.08 14.71
CA ALA A 336 -17.98 -5.03 15.66
C ALA A 336 -17.91 -5.58 17.10
N ASP A 337 -18.81 -6.50 17.44
CA ASP A 337 -18.76 -7.20 18.74
C ASP A 337 -17.34 -7.71 19.07
N GLY A 338 -16.76 -8.46 18.12
CA GLY A 338 -15.45 -9.11 18.30
C GLY A 338 -14.37 -8.08 18.33
N MET A 339 -14.58 -7.03 17.55
CA MET A 339 -13.64 -5.95 17.36
C MET A 339 -13.41 -5.21 18.68
N ALA A 340 -14.50 -4.86 19.36
CA ALA A 340 -14.43 -4.24 20.68
C ALA A 340 -13.63 -5.09 21.66
N ALA A 341 -14.13 -6.29 21.93
CA ALA A 341 -13.44 -7.27 22.79
C ALA A 341 -11.96 -7.35 22.47
N ALA A 342 -11.64 -7.40 21.17
CA ALA A 342 -10.27 -7.43 20.67
C ALA A 342 -9.46 -6.22 21.14
N LEU A 343 -9.90 -5.02 20.78
CA LEU A 343 -9.18 -3.83 21.19
C LEU A 343 -9.12 -3.75 22.74
N ILE A 344 -10.22 -4.09 23.39
CA ILE A 344 -10.29 -4.01 24.85
C ILE A 344 -9.23 -4.92 25.47
N GLY A 345 -9.15 -6.17 24.93
CA GLY A 345 -8.20 -7.14 25.42
C GLY A 345 -6.76 -6.66 25.30
N ILE A 346 -6.43 -6.08 24.16
CA ILE A 346 -5.09 -5.62 23.89
C ILE A 346 -4.74 -4.42 24.76
N LEU A 347 -5.68 -3.50 24.95
CA LEU A 347 -5.36 -2.25 25.62
C LEU A 347 -5.08 -2.48 27.10
N GLU A 348 -5.95 -3.24 27.76
CA GLU A 348 -5.87 -3.50 29.20
C GLU A 348 -4.77 -4.48 29.60
N ASP A 349 -4.42 -5.41 28.71
CA ASP A 349 -3.46 -6.45 29.02
C ASP A 349 -2.07 -6.12 28.47
N ASP A 350 -1.24 -5.47 29.27
CA ASP A 350 0.08 -5.02 28.84
C ASP A 350 1.02 -6.08 28.29
N GLN A 351 1.17 -7.17 29.03
CA GLN A 351 2.08 -8.24 28.65
C GLN A 351 1.81 -8.70 27.21
N LEU A 352 0.53 -8.93 26.93
CA LEU A 352 0.08 -9.40 25.64
C LEU A 352 0.60 -8.46 24.54
N ARG A 353 0.26 -7.17 24.62
CA ARG A 353 0.77 -6.13 23.73
C ARG A 353 2.29 -6.19 23.51
N ALA A 354 3.06 -5.94 24.58
CA ALA A 354 4.50 -6.14 24.59
C ALA A 354 4.97 -7.32 23.68
N GLY A 355 4.44 -8.52 23.93
CA GLY A 355 4.61 -9.69 23.05
C GLY A 355 4.22 -9.47 21.58
N TYR A 356 3.06 -8.87 21.33
CA TYR A 356 2.71 -8.57 19.94
C TYR A 356 3.76 -7.64 19.32
N VAL A 357 3.99 -6.49 19.93
CA VAL A 357 5.00 -5.56 19.46
C VAL A 357 6.40 -6.14 19.36
N ALA A 358 6.76 -7.07 20.22
CA ALA A 358 8.07 -7.69 20.08
C ALA A 358 8.07 -8.63 18.87
N ARG A 359 7.09 -9.53 18.84
CA ARG A 359 7.05 -10.52 17.78
C ARG A 359 6.92 -9.85 16.40
N ALA A 360 6.07 -8.82 16.32
CA ALA A 360 5.83 -8.08 15.09
C ALA A 360 7.01 -7.21 14.67
N SER A 361 7.66 -6.56 15.63
CA SER A 361 8.89 -5.85 15.35
C SER A 361 9.92 -6.79 14.72
N GLU A 362 9.89 -8.07 15.10
CA GLU A 362 10.92 -8.96 14.59
C GLU A 362 10.56 -9.31 13.14
N ARG A 363 9.30 -9.64 12.91
CA ARG A 363 8.84 -10.07 11.61
C ARG A 363 8.85 -8.98 10.55
N VAL A 364 8.75 -7.72 10.97
CA VAL A 364 8.54 -6.62 10.00
C VAL A 364 9.80 -6.32 9.12
N HIS A 365 10.93 -6.94 9.44
CA HIS A 365 12.17 -6.76 8.68
C HIS A 365 11.98 -7.32 7.29
N ARG A 366 11.10 -8.32 7.20
CA ARG A 366 10.73 -8.99 5.96
C ARG A 366 10.22 -7.93 4.92
N TYR A 367 9.58 -6.85 5.39
CA TYR A 367 9.00 -5.84 4.49
C TYR A 367 9.89 -4.60 4.24
N ASP A 368 11.07 -4.55 4.85
CA ASP A 368 11.86 -3.33 4.78
C ASP A 368 12.38 -3.19 3.41
N TRP A 369 12.56 -1.97 2.95
CA TRP A 369 13.12 -1.73 1.62
C TRP A 369 14.41 -2.49 1.27
N SER A 370 15.34 -2.63 2.19
CA SER A 370 16.58 -3.35 1.88
C SER A 370 16.38 -4.78 1.37
N VAL A 371 15.37 -5.49 1.90
CA VAL A 371 15.03 -6.84 1.48
C VAL A 371 14.35 -6.76 0.08
N VAL A 372 13.27 -5.97 0.05
CA VAL A 372 12.33 -5.87 -1.07
C VAL A 372 12.94 -5.24 -2.32
N SER A 373 13.80 -4.22 -2.15
CA SER A 373 14.52 -3.63 -3.30
C SER A 373 15.48 -4.64 -3.87
N ALA A 374 15.97 -5.54 -3.04
CA ALA A 374 16.84 -6.59 -3.54
C ALA A 374 16.05 -7.51 -4.46
N GLN A 375 14.93 -8.02 -3.96
CA GLN A 375 14.10 -8.94 -4.72
C GLN A 375 13.74 -8.38 -6.09
N ILE A 376 13.42 -7.09 -6.14
CA ILE A 376 12.97 -6.43 -7.35
C ILE A 376 14.16 -6.31 -8.33
N MET A 377 15.35 -6.07 -7.75
CA MET A 377 16.53 -5.88 -8.54
C MET A 377 16.87 -7.16 -9.27
N ARG A 378 16.78 -8.28 -8.57
CA ARG A 378 17.05 -9.56 -9.16
C ARG A 378 16.14 -9.77 -10.37
N VAL A 379 14.87 -9.35 -10.23
CA VAL A 379 13.95 -9.37 -11.35
C VAL A 379 14.42 -8.44 -12.47
N TYR A 380 14.79 -7.20 -12.13
CA TYR A 380 15.38 -6.30 -13.13
C TYR A 380 16.58 -6.89 -13.87
N GLU A 381 17.37 -7.71 -13.18
CA GLU A 381 18.56 -8.34 -13.76
C GLU A 381 18.29 -9.58 -14.61
N THR A 382 17.32 -10.40 -14.22
CA THR A 382 16.85 -11.51 -15.08
C THR A 382 16.34 -10.96 -16.41
N VAL A 383 15.80 -9.78 -16.38
CA VAL A 383 15.06 -9.29 -17.52
C VAL A 383 15.96 -8.44 -18.44
N SER A 384 17.14 -8.02 -17.96
CA SER A 384 17.96 -7.09 -18.75
C SER A 384 19.30 -7.63 -19.19
N GLY A 385 19.93 -6.91 -20.12
CA GLY A 385 21.24 -7.34 -20.63
C GLY A 385 21.83 -6.22 -21.46
N ALA A 386 23.14 -6.03 -21.34
CA ALA A 386 23.88 -5.03 -22.12
C ALA A 386 23.34 -4.88 -23.57
N GLY A 387 23.11 -3.64 -23.98
CA GLY A 387 22.72 -3.37 -25.36
C GLY A 387 21.22 -3.42 -25.61
N ILE A 388 20.46 -4.10 -24.73
CA ILE A 388 18.98 -4.19 -24.86
C ILE A 388 18.25 -3.09 -24.10
N LYS A 389 17.70 -2.13 -24.84
CA LYS A 389 16.89 -1.06 -24.25
C LYS A 389 15.42 -1.33 -24.52
N VAL A 390 14.57 -0.73 -23.68
CA VAL A 390 13.17 -0.54 -23.96
C VAL A 390 13.00 0.37 -25.18
N GLN A 391 12.05 0.05 -26.05
CA GLN A 391 11.86 0.75 -27.30
C GLN A 391 10.40 0.97 -27.58
N VAL A 392 10.08 1.89 -28.49
CA VAL A 392 8.71 2.10 -28.94
C VAL A 392 8.27 1.00 -29.93
N SER A 393 7.07 0.41 -29.75
CA SER A 393 6.47 -0.46 -30.81
C SER A 393 6.36 0.22 -32.17
#